data_6JUX
#
_entry.id   6JUX
#
_cell.length_a   58.870
_cell.length_b   86.790
_cell.length_c   140.530
_cell.angle_alpha   90.00
_cell.angle_beta   90.00
_cell.angle_gamma   90.00
#
_symmetry.space_group_name_H-M   'C 2 2 21'
#
loop_
_entity.id
_entity.type
_entity.pdbx_description
1 polymer 'Activin receptor type-1'
2 non-polymer 4-(1-ethyl-3-pyridin-3-yl-pyrazol-4-yl)-~{N}-(4-piperazin-1-ylphenyl)pyrimidin-2-amine
3 non-polymer 'SULFATE ION'
4 water water
#
_entity_poly.entity_id   1
_entity_poly.type   'polypeptide(L)'
_entity_poly.pdbx_seq_one_letter_code
;QRTVAHQITLLECVGKGRYGEVWRGSWQGENVAVKIFSSRDEKSWFRETELYNTVMLRHENILGFIASDMTSRHSSTQLW
LITHYHEMGSLYDYLQLTTLDTVSCLRIVLSIASGLAHLHIEIFGTQGKPAIAHRDLKSKNILVKKNGQCCIADLGLAVM
HSQSTNQLDVGNNPRVGTKRYMAPEVLDETIQVDCFDSYKRVDIWAFGLVLWEVARRMVSNGIVEDYKPPFYDVVPNDPS
FEDMRKVVCVDQQRPNIPNRWFSDPTLTSLAKLMKECWYQNPSARLTALRIKKTLTKID
;
_entity_poly.pdbx_strand_id   A
#
loop_
_chem_comp.id
_chem_comp.type
_chem_comp.name
_chem_comp.formula
C9U non-polymer 4-(1-ethyl-3-pyridin-3-yl-pyrazol-4-yl)-~{N}-(4-piperazin-1-ylphenyl)pyrimidin-2-amine 'C24 H26 N8'
SO4 non-polymer 'SULFATE ION' 'O4 S -2'
#
# COMPACT_ATOMS: atom_id res chain seq x y z
N THR A 3 17.43 24.73 5.50
CA THR A 3 18.45 23.85 6.17
C THR A 3 17.92 22.40 6.27
N VAL A 4 17.18 21.95 5.25
CA VAL A 4 16.96 20.52 4.85
C VAL A 4 16.60 20.53 3.35
N ALA A 5 15.54 21.27 2.98
CA ALA A 5 15.12 21.56 1.60
C ALA A 5 16.24 22.25 0.83
N HIS A 6 16.92 23.20 1.50
CA HIS A 6 18.07 24.00 0.98
C HIS A 6 19.23 23.07 0.62
N GLN A 7 19.41 21.96 1.36
CA GLN A 7 20.49 20.94 1.19
C GLN A 7 20.18 19.95 0.06
N ILE A 8 19.04 20.10 -0.63
CA ILE A 8 18.56 19.09 -1.60
C ILE A 8 18.39 19.72 -2.96
N THR A 9 18.81 19.02 -4.00
CA THR A 9 18.58 19.39 -5.41
C THR A 9 17.57 18.42 -6.02
N LEU A 10 16.43 18.96 -6.47
CA LEU A 10 15.46 18.26 -7.34
C LEU A 10 16.13 18.06 -8.70
N LEU A 11 16.42 16.81 -9.06
CA LEU A 11 17.09 16.35 -10.30
C LEU A 11 16.05 15.98 -11.37
N GLU A 12 15.11 15.06 -11.08
CA GLU A 12 14.05 14.74 -12.06
C GLU A 12 12.74 14.35 -11.38
N CYS A 13 11.66 14.74 -12.02
CA CYS A 13 10.31 14.45 -11.58
C CYS A 13 9.96 13.08 -12.15
N VAL A 14 9.71 12.11 -11.27
CA VAL A 14 9.49 10.71 -11.68
C VAL A 14 8.00 10.40 -11.58
N GLY A 15 7.20 11.39 -11.16
CA GLY A 15 5.74 11.28 -11.24
C GLY A 15 5.03 12.55 -10.81
N LYS A 16 3.87 12.74 -11.38
CA LYS A 16 2.98 13.87 -11.06
C LYS A 16 1.56 13.30 -11.15
N GLY A 17 0.74 13.44 -10.11
CA GLY A 17 -0.65 12.96 -10.07
C GLY A 17 -1.47 13.63 -9.00
N ARG A 18 -2.62 13.06 -8.64
CA ARG A 18 -3.47 13.68 -7.58
C ARG A 18 -2.66 13.78 -6.26
N TYR A 19 -1.81 12.79 -5.95
CA TYR A 19 -0.87 12.75 -4.80
C TYR A 19 0.14 13.93 -4.74
N GLY A 20 0.26 14.77 -5.77
CA GLY A 20 1.33 15.79 -5.89
C GLY A 20 2.42 15.33 -6.86
N GLU A 21 3.70 15.43 -6.46
CA GLU A 21 4.85 15.09 -7.31
C GLU A 21 5.85 14.28 -6.52
N VAL A 22 6.56 13.44 -7.20
CA VAL A 22 7.71 12.72 -6.62
C VAL A 22 8.92 13.06 -7.50
N TRP A 23 10.00 13.44 -6.82
CA TRP A 23 11.27 13.80 -7.48
C TRP A 23 12.35 12.86 -7.00
N ARG A 24 13.26 12.49 -7.89
CA ARG A 24 14.62 12.02 -7.50
C ARG A 24 15.42 13.27 -7.16
N GLY A 25 16.00 13.30 -5.98
CA GLY A 25 16.86 14.40 -5.50
C GLY A 25 18.18 13.89 -5.02
N SER A 26 19.12 14.80 -4.78
CA SER A 26 20.40 14.51 -4.10
C SER A 26 20.46 15.31 -2.82
N TRP A 27 20.93 14.63 -1.78
CA TRP A 27 21.20 15.15 -0.42
C TRP A 27 22.54 14.55 -0.05
N GLN A 28 23.55 15.39 0.22
CA GLN A 28 24.96 14.98 0.39
C GLN A 28 25.36 14.12 -0.81
N GLY A 29 24.85 14.44 -2.00
CA GLY A 29 25.20 13.71 -3.23
C GLY A 29 24.64 12.28 -3.26
N GLU A 30 23.67 11.97 -2.40
CA GLU A 30 22.99 10.65 -2.32
C GLU A 30 21.58 10.78 -2.90
N ASN A 31 21.09 9.79 -3.62
CA ASN A 31 19.73 9.84 -4.19
C ASN A 31 18.72 9.78 -3.04
N VAL A 32 17.70 10.63 -3.09
CA VAL A 32 16.55 10.56 -2.14
C VAL A 32 15.31 10.71 -3.00
N ALA A 33 14.17 10.23 -2.50
CA ALA A 33 12.87 10.59 -3.09
C ALA A 33 12.31 11.77 -2.31
N VAL A 34 11.74 12.72 -3.05
CA VAL A 34 11.08 13.89 -2.46
C VAL A 34 9.65 13.89 -2.94
N LYS A 35 8.73 13.71 -2.02
CA LYS A 35 7.33 13.90 -2.38
C LYS A 35 6.98 15.35 -2.06
N ILE A 36 6.40 16.05 -3.04
CA ILE A 36 5.85 17.43 -2.88
C ILE A 36 4.32 17.31 -2.89
N PHE A 37 3.70 17.57 -1.76
CA PHE A 37 2.25 17.33 -1.56
C PHE A 37 1.49 18.37 -2.36
N SER A 38 0.32 17.97 -2.89
CA SER A 38 -0.57 18.94 -3.55
C SER A 38 -1.00 19.90 -2.44
N SER A 39 -1.32 21.13 -2.80
CA SER A 39 -1.78 22.20 -1.87
C SER A 39 -3.02 21.73 -1.11
N ARG A 40 -3.86 20.91 -1.72
CA ARG A 40 -5.12 20.41 -1.09
C ARG A 40 -4.85 19.34 -0.02
N ASP A 41 -3.59 19.03 0.29
CA ASP A 41 -3.33 17.75 0.97
C ASP A 41 -2.33 17.94 2.11
N GLU A 42 -2.37 19.10 2.76
CA GLU A 42 -1.51 19.33 3.94
C GLU A 42 -1.82 18.25 4.99
N LYS A 43 -3.06 17.79 5.14
CA LYS A 43 -3.42 16.85 6.25
C LYS A 43 -2.66 15.53 6.08
N SER A 44 -2.42 15.07 4.84
CA SER A 44 -1.63 13.81 4.58
C SER A 44 -0.16 14.03 4.96
N TRP A 45 0.40 15.17 4.55
CA TRP A 45 1.78 15.53 4.94
C TRP A 45 1.85 15.57 6.45
N PHE A 46 0.90 16.25 7.09
CA PHE A 46 0.95 16.44 8.56
C PHE A 46 0.92 15.04 9.24
N ARG A 47 -0.01 14.18 8.84
CA ARG A 47 -0.16 12.83 9.44
C ARG A 47 1.09 12.00 9.20
N GLU A 48 1.62 12.00 7.97
CA GLU A 48 2.81 11.18 7.70
C GLU A 48 3.97 11.72 8.51
N THR A 49 4.16 13.04 8.56
CA THR A 49 5.29 13.65 9.32
C THR A 49 5.11 13.34 10.82
N GLU A 50 3.88 13.41 11.29
CA GLU A 50 3.54 13.06 12.70
C GLU A 50 3.92 11.59 12.96
N LEU A 51 3.50 10.70 12.11
CA LEU A 51 3.80 9.29 12.36
C LEU A 51 5.32 9.07 12.36
N TYR A 52 6.02 9.46 11.28
CA TYR A 52 7.44 9.03 11.10
C TYR A 52 8.29 9.75 12.13
N ASN A 53 7.84 10.89 12.66
CA ASN A 53 8.61 11.63 13.69
C ASN A 53 8.34 11.16 15.11
N THR A 54 7.15 10.66 15.41
CA THR A 54 6.73 10.37 16.80
C THR A 54 6.83 8.88 17.09
N VAL A 55 6.85 8.05 16.05
CA VAL A 55 6.87 6.56 16.22
C VAL A 55 8.23 6.06 15.73
N MET A 56 8.73 5.00 16.32
CA MET A 56 9.96 4.35 15.81
C MET A 56 9.52 3.51 14.61
N LEU A 57 9.45 4.13 13.43
CA LEU A 57 8.81 3.43 12.27
C LEU A 57 9.93 3.15 11.30
N ARG A 58 10.51 1.97 11.42
CA ARG A 58 11.74 1.61 10.67
C ARG A 58 11.70 0.10 10.51
N HIS A 59 11.66 -0.39 9.27
CA HIS A 59 11.52 -1.82 8.92
C HIS A 59 11.90 -1.93 7.46
N GLU A 60 12.51 -3.05 7.07
CA GLU A 60 12.97 -3.31 5.68
C GLU A 60 11.87 -3.05 4.65
N ASN A 61 10.62 -3.35 5.04
CA ASN A 61 9.48 -3.38 4.10
C ASN A 61 8.57 -2.18 4.34
N ILE A 62 9.07 -1.15 5.01
CA ILE A 62 8.39 0.17 5.08
C ILE A 62 9.32 1.23 4.49
N LEU A 63 8.78 2.13 3.67
CA LEU A 63 9.61 3.20 3.04
C LEU A 63 10.37 3.97 4.10
N GLY A 64 11.70 4.08 3.90
CA GLY A 64 12.57 4.66 4.92
C GLY A 64 12.52 6.17 4.95
N PHE A 65 12.06 6.73 6.06
CA PHE A 65 11.91 8.18 6.25
C PHE A 65 13.30 8.81 6.44
N ILE A 66 13.53 9.99 5.89
CA ILE A 66 14.73 10.81 6.17
C ILE A 66 14.29 12.12 6.81
N ALA A 67 13.38 12.85 6.21
CA ALA A 67 13.01 14.16 6.78
C ALA A 67 11.71 14.66 6.18
N SER A 68 11.11 15.62 6.84
CA SER A 68 9.93 16.35 6.38
C SER A 68 10.34 17.81 6.50
N ASP A 69 9.96 18.67 5.57
CA ASP A 69 10.27 20.10 5.63
C ASP A 69 9.18 20.86 4.90
N MET A 70 9.12 22.16 5.19
CA MET A 70 8.33 23.19 4.51
C MET A 70 9.35 24.11 3.84
N THR A 71 9.04 24.57 2.64
CA THR A 71 9.96 25.42 1.86
C THR A 71 9.10 26.29 0.94
N SER A 72 9.68 27.35 0.39
CA SER A 72 8.98 28.28 -0.53
C SER A 72 9.53 27.90 -1.91
N ARG A 73 8.68 27.93 -2.95
CA ARG A 73 9.12 27.75 -4.35
C ARG A 73 7.96 28.23 -5.21
N HIS A 74 8.28 28.95 -6.28
CA HIS A 74 7.29 29.69 -7.12
C HIS A 74 6.50 30.58 -6.15
N SER A 75 7.23 31.08 -5.15
CA SER A 75 6.74 31.94 -4.05
C SER A 75 5.41 31.42 -3.46
N SER A 76 5.32 30.16 -3.08
CA SER A 76 4.28 29.71 -2.10
C SER A 76 4.79 28.49 -1.30
N THR A 77 4.02 28.08 -0.30
CA THR A 77 4.48 27.01 0.63
C THR A 77 4.40 25.65 -0.08
N GLN A 78 5.50 24.93 -0.16
CA GLN A 78 5.50 23.48 -0.45
C GLN A 78 5.79 22.63 0.79
N LEU A 79 5.09 21.50 0.93
CA LEU A 79 5.34 20.52 2.02
C LEU A 79 6.06 19.30 1.42
N TRP A 80 7.27 19.04 1.87
CA TRP A 80 8.14 17.94 1.38
C TRP A 80 8.23 16.80 2.37
N LEU A 81 8.16 15.59 1.84
CA LEU A 81 8.50 14.38 2.59
C LEU A 81 9.65 13.73 1.85
N ILE A 82 10.77 13.45 2.55
CA ILE A 82 12.03 12.99 1.95
C ILE A 82 12.36 11.63 2.51
N THR A 83 12.56 10.69 1.62
CA THR A 83 12.74 9.27 1.92
C THR A 83 13.87 8.69 1.08
N HIS A 84 14.23 7.45 1.41
CA HIS A 84 15.08 6.61 0.56
C HIS A 84 14.52 6.63 -0.86
N TYR A 85 15.42 6.47 -1.82
CA TYR A 85 15.06 6.40 -3.26
C TYR A 85 15.20 4.95 -3.67
N HIS A 86 14.14 4.42 -4.26
CA HIS A 86 14.08 3.08 -4.89
C HIS A 86 14.02 3.27 -6.42
N GLU A 87 15.12 2.98 -7.10
CA GLU A 87 15.24 3.29 -8.54
C GLU A 87 14.24 2.48 -9.36
N MET A 88 13.80 1.29 -8.93
N MET A 88 13.80 1.32 -8.88
CA MET A 88 12.87 0.49 -9.76
CA MET A 88 12.91 0.43 -9.66
C MET A 88 11.49 1.16 -9.78
C MET A 88 11.46 0.93 -9.59
N GLY A 89 11.14 1.93 -8.77
CA GLY A 89 9.81 2.54 -8.71
C GLY A 89 8.73 1.60 -8.13
N SER A 90 7.50 1.82 -8.53
CA SER A 90 6.39 1.14 -7.86
C SER A 90 6.21 -0.29 -8.37
N LEU A 91 5.56 -1.07 -7.53
CA LEU A 91 5.08 -2.41 -7.91
C LEU A 91 4.17 -2.32 -9.14
N TYR A 92 3.27 -1.35 -9.18
CA TYR A 92 2.35 -1.13 -10.32
C TYR A 92 3.12 -1.02 -11.62
N ASP A 93 4.17 -0.19 -11.62
CA ASP A 93 4.94 -0.06 -12.87
C ASP A 93 5.77 -1.32 -13.11
N TYR A 94 6.37 -1.87 -12.08
CA TYR A 94 7.20 -3.09 -12.20
C TYR A 94 6.41 -4.21 -12.88
N LEU A 95 5.16 -4.43 -12.48
CA LEU A 95 4.41 -5.58 -12.98
C LEU A 95 4.06 -5.39 -14.46
N GLN A 96 4.08 -4.17 -14.96
CA GLN A 96 3.75 -3.98 -16.40
C GLN A 96 4.96 -4.38 -17.24
N LEU A 97 6.15 -4.00 -16.81
CA LEU A 97 7.41 -4.18 -17.57
C LEU A 97 7.99 -5.60 -17.37
N THR A 98 7.37 -6.51 -16.58
CA THR A 98 8.03 -7.82 -16.37
C THR A 98 7.15 -8.90 -15.73
N THR A 99 7.52 -10.13 -16.05
CA THR A 99 6.94 -11.38 -15.49
C THR A 99 7.87 -11.88 -14.38
N LEU A 100 7.31 -12.76 -13.59
CA LEU A 100 7.83 -13.25 -12.30
C LEU A 100 7.99 -14.77 -12.38
N ASP A 101 9.02 -15.31 -11.76
CA ASP A 101 9.08 -16.78 -11.47
C ASP A 101 8.53 -17.00 -10.06
N THR A 102 8.45 -18.27 -9.64
CA THR A 102 7.86 -18.63 -8.34
C THR A 102 8.63 -17.86 -7.27
N VAL A 103 9.95 -17.82 -7.35
CA VAL A 103 10.73 -17.25 -6.23
C VAL A 103 10.45 -15.76 -6.12
N SER A 104 10.43 -15.03 -7.24
CA SER A 104 10.25 -13.55 -7.22
C SER A 104 8.79 -13.20 -6.89
N CYS A 105 7.80 -13.95 -7.37
CA CYS A 105 6.40 -13.70 -6.97
C CYS A 105 6.32 -13.82 -5.43
N LEU A 106 6.87 -14.90 -4.86
CA LEU A 106 6.71 -15.14 -3.39
C LEU A 106 7.49 -14.08 -2.61
N ARG A 107 8.73 -13.77 -3.01
CA ARG A 107 9.53 -12.74 -2.33
C ARG A 107 8.70 -11.44 -2.27
N ILE A 108 8.02 -11.08 -3.37
CA ILE A 108 7.25 -9.81 -3.39
C ILE A 108 6.17 -9.88 -2.33
N VAL A 109 5.29 -10.89 -2.42
CA VAL A 109 4.04 -10.89 -1.62
C VAL A 109 4.38 -11.16 -0.13
N LEU A 110 5.40 -11.94 0.16
CA LEU A 110 5.85 -12.16 1.56
C LEU A 110 6.40 -10.83 2.13
N SER A 111 7.11 -10.06 1.33
CA SER A 111 7.73 -8.81 1.84
C SER A 111 6.60 -7.79 2.14
N ILE A 112 5.52 -7.81 1.36
CA ILE A 112 4.41 -6.86 1.57
C ILE A 112 3.72 -7.32 2.85
N ALA A 113 3.55 -8.64 3.03
CA ALA A 113 2.85 -9.16 4.22
C ALA A 113 3.67 -8.82 5.44
N SER A 114 4.97 -8.83 5.29
CA SER A 114 5.89 -8.61 6.43
C SER A 114 5.81 -7.13 6.83
N GLY A 115 5.73 -6.23 5.86
CA GLY A 115 5.61 -4.81 6.22
C GLY A 115 4.24 -4.54 6.85
N LEU A 116 3.20 -5.13 6.30
CA LEU A 116 1.82 -4.89 6.78
C LEU A 116 1.69 -5.44 8.20
N ALA A 117 2.21 -6.64 8.48
CA ALA A 117 2.18 -7.25 9.84
C ALA A 117 2.99 -6.37 10.81
N HIS A 118 4.10 -5.81 10.39
CA HIS A 118 4.86 -4.86 11.23
C HIS A 118 4.02 -3.63 11.55
N LEU A 119 3.28 -3.09 10.59
CA LEU A 119 2.40 -1.92 10.84
C LEU A 119 1.31 -2.31 11.85
N HIS A 120 0.63 -3.45 11.61
CA HIS A 120 -0.56 -3.91 12.37
C HIS A 120 -0.23 -4.33 13.82
N ILE A 121 1.02 -4.63 14.16
CA ILE A 121 1.35 -5.18 15.51
C ILE A 121 1.79 -4.02 16.40
N GLU A 122 1.28 -3.96 17.63
CA GLU A 122 1.82 -3.05 18.67
C GLU A 122 3.02 -3.74 19.28
N ILE A 123 4.13 -3.04 19.36
CA ILE A 123 5.37 -3.41 20.11
C ILE A 123 5.49 -2.49 21.32
N PHE A 124 5.79 -3.04 22.50
CA PHE A 124 6.01 -2.27 23.78
C PHE A 124 7.51 -2.24 24.10
N GLY A 125 7.99 -1.21 24.80
CA GLY A 125 9.39 -1.16 25.31
C GLY A 125 10.39 -0.84 24.22
N GLY A 128 9.45 -0.37 20.12
CA GLY A 128 8.19 0.28 20.58
C GLY A 128 7.44 1.02 19.45
N LYS A 129 6.19 0.67 19.18
CA LYS A 129 5.31 1.45 18.27
C LYS A 129 3.88 1.08 18.57
N PRO A 130 2.92 1.99 18.36
CA PRO A 130 1.53 1.59 18.38
C PRO A 130 1.22 0.69 17.19
N ALA A 131 0.05 0.07 17.25
CA ALA A 131 -0.53 -0.62 16.10
C ALA A 131 -0.93 0.50 15.11
N ILE A 132 -0.75 0.22 13.83
CA ILE A 132 -1.04 1.17 12.73
C ILE A 132 -1.76 0.44 11.63
N ALA A 133 -2.88 0.99 11.17
CA ALA A 133 -3.47 0.57 9.90
C ALA A 133 -3.25 1.65 8.81
N HIS A 134 -3.12 1.21 7.57
CA HIS A 134 -2.58 2.00 6.44
C HIS A 134 -3.73 2.79 5.81
N ARG A 135 -4.78 2.09 5.44
CA ARG A 135 -6.04 2.58 4.84
C ARG A 135 -5.93 3.01 3.38
N ASP A 136 -4.79 2.89 2.68
CA ASP A 136 -4.75 3.15 1.22
C ASP A 136 -3.69 2.30 0.54
N LEU A 137 -3.62 1.02 0.90
CA LEU A 137 -2.70 0.07 0.30
C LEU A 137 -3.10 -0.21 -1.16
N LYS A 138 -2.12 -0.19 -2.04
CA LYS A 138 -2.33 -0.40 -3.51
C LYS A 138 -0.97 -0.59 -4.15
N SER A 139 -0.94 -1.15 -5.35
CA SER A 139 0.33 -1.50 -6.02
C SER A 139 1.10 -0.20 -6.34
N LYS A 140 0.40 0.92 -6.53
CA LYS A 140 1.07 2.22 -6.81
C LYS A 140 1.74 2.82 -5.59
N ASN A 141 1.46 2.38 -4.36
CA ASN A 141 2.01 2.85 -3.06
CA ASN A 141 2.21 2.97 -3.20
C ASN A 141 3.08 1.88 -2.55
N ILE A 142 3.43 0.89 -3.31
CA ILE A 142 4.43 -0.13 -2.85
C ILE A 142 5.61 0.04 -3.80
N LEU A 143 6.82 0.11 -3.25
CA LEU A 143 8.04 0.30 -4.07
C LEU A 143 8.73 -1.05 -4.13
N VAL A 144 9.37 -1.34 -5.26
CA VAL A 144 10.24 -2.54 -5.42
C VAL A 144 11.70 -2.11 -5.17
N LYS A 145 12.38 -2.77 -4.24
CA LYS A 145 13.81 -2.55 -3.93
C LYS A 145 14.71 -3.45 -4.81
N LYS A 146 16.01 -3.12 -4.86
CA LYS A 146 16.97 -3.87 -5.73
C LYS A 146 17.12 -5.33 -5.28
N ASN A 147 16.90 -5.69 -4.00
CA ASN A 147 16.93 -7.12 -3.57
C ASN A 147 15.66 -7.85 -4.01
N GLY A 148 14.68 -7.19 -4.66
CA GLY A 148 13.43 -7.84 -5.09
C GLY A 148 12.38 -7.98 -3.98
N GLN A 149 12.63 -7.48 -2.78
CA GLN A 149 11.60 -7.23 -1.75
C GLN A 149 10.89 -5.89 -2.03
N CYS A 150 9.74 -5.68 -1.40
CA CYS A 150 8.97 -4.41 -1.56
C CYS A 150 9.00 -3.61 -0.28
N CYS A 151 8.58 -2.34 -0.38
CA CYS A 151 8.35 -1.53 0.84
C CYS A 151 7.09 -0.70 0.63
N ILE A 152 6.33 -0.63 1.70
CA ILE A 152 5.04 0.12 1.72
C ILE A 152 5.32 1.61 1.98
N ALA A 153 4.64 2.51 1.26
CA ALA A 153 4.74 3.97 1.43
C ALA A 153 3.35 4.58 1.63
N ASP A 154 3.29 5.91 1.82
CA ASP A 154 2.02 6.69 1.79
C ASP A 154 1.25 6.32 3.07
N LEU A 155 1.69 6.82 4.21
CA LEU A 155 1.03 6.65 5.52
C LEU A 155 0.06 7.79 5.86
N GLY A 156 -0.42 8.58 4.88
CA GLY A 156 -1.09 9.83 5.22
C GLY A 156 -2.51 9.61 5.65
N LEU A 157 -3.02 8.38 5.48
CA LEU A 157 -4.36 8.06 5.96
C LEU A 157 -4.29 7.14 7.16
N ALA A 158 -3.11 6.95 7.70
CA ALA A 158 -2.96 5.94 8.76
C ALA A 158 -3.72 6.28 10.04
N VAL A 159 -4.13 5.23 10.72
CA VAL A 159 -4.83 5.23 12.02
C VAL A 159 -3.96 4.44 12.99
N MET A 160 -3.95 4.84 14.24
CA MET A 160 -3.09 4.22 15.28
C MET A 160 -3.95 3.83 16.47
N HIS A 161 -3.46 2.83 17.19
CA HIS A 161 -4.11 2.33 18.43
C HIS A 161 -3.02 1.95 19.43
N SER A 162 -3.21 2.31 20.69
CA SER A 162 -2.31 1.97 21.81
C SER A 162 -3.14 1.16 22.84
N GLN A 163 -2.63 0.02 23.23
CA GLN A 163 -3.24 -0.76 24.32
C GLN A 163 -3.17 0.00 25.65
N SER A 164 -2.09 0.75 25.95
CA SER A 164 -1.94 1.53 27.21
C SER A 164 -3.23 2.28 27.53
N THR A 165 -3.68 3.09 26.54
CA THR A 165 -4.87 3.99 26.63
C THR A 165 -6.09 3.33 26.03
N ASN A 166 -5.93 2.27 25.26
CA ASN A 166 -7.08 1.77 24.46
C ASN A 166 -7.62 2.98 23.68
N GLN A 167 -6.75 3.89 23.25
CA GLN A 167 -7.16 5.06 22.43
C GLN A 167 -6.90 4.75 20.96
N LEU A 168 -7.90 4.99 20.15
CA LEU A 168 -7.86 4.93 18.69
C LEU A 168 -7.55 6.34 18.21
N ASP A 169 -6.51 6.55 17.40
CA ASP A 169 -6.15 7.92 16.91
C ASP A 169 -6.46 7.97 15.40
N VAL A 170 -7.62 8.49 14.99
CA VAL A 170 -8.07 8.38 13.57
C VAL A 170 -7.63 9.61 12.78
N GLY A 171 -7.14 10.65 13.44
CA GLY A 171 -6.63 11.81 12.72
C GLY A 171 -7.78 12.66 12.25
N ASN A 172 -7.49 13.54 11.31
CA ASN A 172 -8.36 14.63 10.87
C ASN A 172 -7.99 14.90 9.43
N ASN A 173 -8.40 14.02 8.56
CA ASN A 173 -7.96 14.01 7.15
C ASN A 173 -9.20 13.75 6.35
N PRO A 174 -9.63 14.69 5.48
CA PRO A 174 -10.81 14.44 4.64
C PRO A 174 -10.50 13.56 3.41
N ARG A 175 -9.24 13.28 3.09
CA ARG A 175 -8.86 12.31 2.01
C ARG A 175 -9.50 10.96 2.35
N VAL A 176 -10.00 10.22 1.36
CA VAL A 176 -10.48 8.82 1.53
C VAL A 176 -9.55 7.88 0.69
N GLY A 177 -9.60 6.57 0.90
CA GLY A 177 -8.85 5.53 0.15
C GLY A 177 -9.02 5.70 -1.36
N THR A 178 -8.11 5.12 -2.14
CA THR A 178 -8.29 4.83 -3.55
C THR A 178 -9.59 4.02 -3.75
N LYS A 179 -10.53 4.56 -4.54
CA LYS A 179 -11.86 3.92 -4.73
C LYS A 179 -11.73 2.48 -5.23
N ARG A 180 -10.85 2.17 -6.17
CA ARG A 180 -10.77 0.82 -6.78
C ARG A 180 -10.53 -0.23 -5.68
N TYR A 181 -9.79 0.13 -4.63
CA TYR A 181 -9.30 -0.84 -3.62
C TYR A 181 -10.15 -0.79 -2.34
N MET A 182 -11.22 0.00 -2.31
CA MET A 182 -12.01 0.19 -1.07
C MET A 182 -12.77 -1.10 -0.76
N ALA A 183 -12.67 -1.56 0.47
CA ALA A 183 -13.47 -2.68 0.98
C ALA A 183 -14.97 -2.34 0.89
N PRO A 184 -15.85 -3.35 0.87
CA PRO A 184 -17.31 -3.15 0.84
C PRO A 184 -17.86 -2.27 1.98
N GLU A 185 -17.37 -2.49 3.21
CA GLU A 185 -17.78 -1.75 4.43
C GLU A 185 -17.41 -0.26 4.31
N VAL A 186 -16.38 0.10 3.56
CA VAL A 186 -16.03 1.54 3.33
C VAL A 186 -17.03 2.11 2.31
N LEU A 187 -17.25 1.41 1.21
CA LEU A 187 -18.11 1.90 0.09
C LEU A 187 -19.56 2.11 0.57
N ASP A 188 -20.03 1.22 1.43
CA ASP A 188 -21.44 1.23 1.93
C ASP A 188 -21.50 1.93 3.31
N GLU A 189 -20.37 2.38 3.87
CA GLU A 189 -20.30 3.24 5.08
C GLU A 189 -20.85 2.48 6.29
N THR A 190 -20.81 1.14 6.27
CA THR A 190 -21.09 0.30 7.46
C THR A 190 -19.85 0.04 8.32
N ILE A 191 -18.63 0.30 7.85
CA ILE A 191 -17.40 0.09 8.67
C ILE A 191 -17.63 0.62 10.09
N GLN A 192 -17.18 -0.14 11.10
CA GLN A 192 -17.33 0.25 12.52
C GLN A 192 -16.13 1.12 12.89
N VAL A 193 -16.31 2.44 12.79
CA VAL A 193 -15.23 3.46 12.81
C VAL A 193 -14.51 3.52 14.17
N ASP A 194 -15.11 3.04 15.27
CA ASP A 194 -14.54 3.17 16.64
C ASP A 194 -13.76 1.90 17.03
N CYS A 195 -13.62 0.94 16.13
CA CYS A 195 -12.90 -0.32 16.43
C CYS A 195 -11.66 -0.42 15.51
N PHE A 196 -10.47 -0.40 16.10
CA PHE A 196 -9.20 -0.42 15.36
C PHE A 196 -9.20 -1.59 14.37
N ASP A 197 -9.76 -2.74 14.77
CA ASP A 197 -9.76 -3.97 13.93
C ASP A 197 -10.44 -3.69 12.59
N SER A 198 -11.45 -2.80 12.55
CA SER A 198 -12.13 -2.44 11.29
C SER A 198 -11.10 -1.99 10.23
N TYR A 199 -10.11 -1.21 10.68
CA TYR A 199 -9.11 -0.54 9.79
C TYR A 199 -8.11 -1.59 9.32
N LYS A 200 -7.72 -2.51 10.19
CA LYS A 200 -6.78 -3.56 9.78
C LYS A 200 -7.47 -4.45 8.74
N ARG A 201 -8.78 -4.71 8.87
CA ARG A 201 -9.52 -5.58 7.92
C ARG A 201 -9.66 -4.89 6.55
N VAL A 202 -9.75 -3.57 6.52
CA VAL A 202 -9.73 -2.81 5.25
C VAL A 202 -8.40 -3.03 4.54
N ASP A 203 -7.28 -3.00 5.24
CA ASP A 203 -5.96 -3.26 4.65
C ASP A 203 -5.83 -4.68 4.08
N ILE A 204 -6.41 -5.69 4.76
CA ILE A 204 -6.37 -7.10 4.30
C ILE A 204 -7.14 -7.18 2.98
N TRP A 205 -8.32 -6.57 2.89
CA TRP A 205 -9.05 -6.52 1.59
C TRP A 205 -8.14 -6.02 0.47
N ALA A 206 -7.45 -4.90 0.69
CA ALA A 206 -6.63 -4.23 -0.33
C ALA A 206 -5.46 -5.18 -0.60
N PHE A 207 -4.94 -5.80 0.45
CA PHE A 207 -3.77 -6.68 0.24
C PHE A 207 -4.11 -7.84 -0.73
N GLY A 208 -5.30 -8.40 -0.53
CA GLY A 208 -5.86 -9.45 -1.40
C GLY A 208 -5.84 -9.02 -2.86
N LEU A 209 -6.23 -7.78 -3.13
CA LEU A 209 -6.30 -7.22 -4.50
C LEU A 209 -4.88 -7.17 -5.05
N VAL A 210 -3.95 -6.69 -4.25
CA VAL A 210 -2.52 -6.61 -4.67
C VAL A 210 -1.96 -8.03 -4.90
N LEU A 211 -2.28 -8.97 -4.02
CA LEU A 211 -1.85 -10.39 -4.22
C LEU A 211 -2.34 -10.88 -5.61
N TRP A 212 -3.60 -10.59 -5.95
CA TRP A 212 -4.19 -10.93 -7.26
C TRP A 212 -3.38 -10.29 -8.39
N GLU A 213 -2.99 -9.02 -8.25
CA GLU A 213 -2.31 -8.29 -9.32
C GLU A 213 -0.98 -8.95 -9.59
N VAL A 214 -0.32 -9.43 -8.53
CA VAL A 214 1.05 -9.96 -8.60
C VAL A 214 0.99 -11.36 -9.17
N ALA A 215 0.12 -12.23 -8.62
CA ALA A 215 0.01 -13.65 -9.01
C ALA A 215 -0.25 -13.76 -10.53
N ARG A 216 -1.08 -12.88 -11.10
CA ARG A 216 -1.37 -12.85 -12.56
C ARG A 216 -0.09 -12.76 -13.40
N ARG A 217 0.96 -12.19 -12.85
CA ARG A 217 2.23 -11.95 -13.54
C ARG A 217 3.23 -13.10 -13.26
N MET A 218 2.86 -14.13 -12.50
CA MET A 218 3.81 -15.27 -12.31
C MET A 218 3.59 -16.24 -13.49
N VAL A 219 4.68 -16.60 -14.16
CA VAL A 219 4.72 -17.60 -15.29
C VAL A 219 4.44 -19.00 -14.73
N SER A 220 3.38 -19.68 -15.23
CA SER A 220 3.12 -21.14 -15.03
C SER A 220 2.76 -21.82 -16.37
N ASN A 221 3.25 -23.04 -16.62
CA ASN A 221 2.99 -23.77 -17.89
C ASN A 221 3.36 -22.92 -19.09
N GLY A 222 4.38 -22.08 -18.96
CA GLY A 222 4.90 -21.16 -19.99
C GLY A 222 4.02 -19.95 -20.22
N ILE A 223 2.91 -19.73 -19.50
CA ILE A 223 1.91 -18.67 -19.82
C ILE A 223 1.70 -17.75 -18.60
N VAL A 224 1.03 -16.63 -18.82
CA VAL A 224 0.96 -15.51 -17.85
C VAL A 224 -0.17 -14.59 -18.32
N GLU A 225 -0.84 -13.89 -17.41
CA GLU A 225 -1.82 -12.85 -17.80
C GLU A 225 -1.08 -11.53 -18.04
N ASP A 226 -1.64 -10.64 -18.86
CA ASP A 226 -1.16 -9.25 -18.95
C ASP A 226 -1.44 -8.62 -17.59
N TYR A 227 -0.68 -7.60 -17.24
CA TYR A 227 -1.04 -6.76 -16.07
C TYR A 227 -2.49 -6.26 -16.26
N LYS A 228 -3.33 -6.40 -15.25
CA LYS A 228 -4.62 -5.65 -15.16
C LYS A 228 -4.79 -5.19 -13.72
N PRO A 229 -5.42 -4.02 -13.51
CA PRO A 229 -5.81 -3.60 -12.16
C PRO A 229 -7.05 -4.38 -11.75
N PRO A 230 -7.29 -4.49 -10.43
CA PRO A 230 -8.48 -5.16 -9.91
C PRO A 230 -9.75 -4.51 -10.48
N PHE A 231 -10.69 -5.36 -10.90
CA PHE A 231 -12.01 -4.94 -11.43
C PHE A 231 -11.91 -4.24 -12.79
N TYR A 232 -10.80 -4.42 -13.50
CA TYR A 232 -10.51 -3.82 -14.83
C TYR A 232 -11.68 -4.07 -15.78
N ASP A 233 -12.40 -5.16 -15.62
CA ASP A 233 -13.46 -5.54 -16.59
C ASP A 233 -14.81 -4.95 -16.22
N VAL A 234 -15.00 -4.33 -15.04
CA VAL A 234 -16.39 -3.96 -14.61
C VAL A 234 -16.46 -2.50 -14.23
N VAL A 235 -15.34 -1.80 -14.20
CA VAL A 235 -15.36 -0.35 -13.91
C VAL A 235 -14.39 0.35 -14.83
N PRO A 236 -14.64 1.63 -15.13
CA PRO A 236 -13.71 2.47 -15.88
C PRO A 236 -12.43 2.91 -15.16
N ASN A 237 -11.44 3.39 -15.92
CA ASN A 237 -10.33 4.18 -15.31
C ASN A 237 -10.99 5.24 -14.41
N ASP A 238 -10.33 5.58 -13.31
CA ASP A 238 -10.82 6.56 -12.33
C ASP A 238 -12.25 6.24 -11.91
N PRO A 239 -12.55 5.01 -11.41
CA PRO A 239 -13.92 4.66 -11.04
C PRO A 239 -14.50 5.56 -9.96
N SER A 240 -15.81 5.75 -9.98
CA SER A 240 -16.51 6.58 -8.98
C SER A 240 -16.94 5.68 -7.81
N PHE A 241 -17.35 6.32 -6.71
CA PHE A 241 -17.80 5.69 -5.45
C PHE A 241 -18.96 4.73 -5.79
N GLU A 242 -19.90 5.24 -6.58
CA GLU A 242 -21.11 4.54 -7.08
C GLU A 242 -20.69 3.38 -8.00
N ASP A 243 -19.81 3.62 -8.98
CA ASP A 243 -19.27 2.49 -9.80
C ASP A 243 -18.81 1.36 -8.86
N MET A 244 -18.00 1.68 -7.86
CA MET A 244 -17.40 0.63 -6.99
C MET A 244 -18.46 -0.02 -6.11
N ARG A 245 -19.36 0.77 -5.50
CA ARG A 245 -20.38 0.21 -4.59
C ARG A 245 -21.27 -0.78 -5.37
N LYS A 246 -21.69 -0.40 -6.57
CA LYS A 246 -22.52 -1.31 -7.40
C LYS A 246 -21.81 -2.66 -7.47
N VAL A 247 -20.49 -2.63 -7.77
CA VAL A 247 -19.73 -3.86 -8.13
C VAL A 247 -19.50 -4.71 -6.88
N VAL A 248 -19.01 -4.08 -5.81
CA VAL A 248 -18.49 -4.81 -4.61
C VAL A 248 -19.60 -5.08 -3.59
N CYS A 249 -20.52 -4.14 -3.39
CA CYS A 249 -21.53 -4.28 -2.32
C CYS A 249 -22.81 -4.90 -2.91
N VAL A 250 -23.31 -4.34 -4.03
CA VAL A 250 -24.62 -4.76 -4.62
C VAL A 250 -24.41 -6.09 -5.35
N ASP A 251 -23.56 -6.13 -6.39
CA ASP A 251 -23.37 -7.37 -7.18
C ASP A 251 -22.48 -8.33 -6.40
N GLN A 252 -21.71 -7.82 -5.42
CA GLN A 252 -20.78 -8.64 -4.60
C GLN A 252 -19.75 -9.34 -5.52
N GLN A 253 -19.20 -8.61 -6.47
CA GLN A 253 -18.16 -9.17 -7.38
C GLN A 253 -16.80 -9.18 -6.67
N ARG A 254 -15.97 -10.14 -7.08
CA ARG A 254 -14.56 -10.36 -6.69
C ARG A 254 -13.71 -10.54 -7.94
N PRO A 255 -12.41 -10.21 -7.95
CA PRO A 255 -11.61 -10.52 -9.13
C PRO A 255 -11.70 -12.02 -9.47
N ASN A 256 -11.76 -12.36 -10.77
CA ASN A 256 -11.76 -13.77 -11.22
C ASN A 256 -10.40 -14.44 -10.97
N ILE A 257 -10.46 -15.65 -10.49
CA ILE A 257 -9.29 -16.57 -10.46
C ILE A 257 -9.15 -17.13 -11.87
N PRO A 258 -8.02 -16.88 -12.58
CA PRO A 258 -7.82 -17.47 -13.91
C PRO A 258 -7.80 -19.00 -13.76
N ASN A 259 -8.08 -19.72 -14.85
CA ASN A 259 -8.32 -21.19 -14.88
C ASN A 259 -6.97 -21.92 -14.77
N ARG A 260 -5.93 -21.35 -15.40
CA ARG A 260 -4.55 -21.89 -15.49
C ARG A 260 -3.81 -21.92 -14.14
N TRP A 261 -4.35 -21.27 -13.10
CA TRP A 261 -3.79 -21.28 -11.71
C TRP A 261 -4.06 -22.64 -11.07
N PHE A 262 -5.23 -23.21 -11.35
CA PHE A 262 -5.88 -24.24 -10.50
C PHE A 262 -5.06 -25.54 -10.52
N SER A 263 -4.34 -25.81 -11.61
CA SER A 263 -3.25 -26.83 -11.62
C SER A 263 -1.91 -26.11 -11.67
N ASP A 264 -1.62 -25.42 -10.56
CA ASP A 264 -0.29 -25.00 -10.03
C ASP A 264 -0.42 -24.91 -8.50
N PRO A 265 0.52 -25.51 -7.71
CA PRO A 265 0.43 -25.51 -6.25
C PRO A 265 0.66 -24.11 -5.70
N THR A 266 1.73 -23.43 -6.08
CA THR A 266 1.98 -22.06 -5.59
C THR A 266 0.72 -21.20 -5.81
N LEU A 267 0.16 -21.18 -7.02
CA LEU A 267 -0.91 -20.23 -7.39
C LEU A 267 -2.21 -20.68 -6.76
N THR A 268 -2.39 -22.00 -6.51
CA THR A 268 -3.59 -22.50 -5.77
C THR A 268 -3.49 -21.98 -4.33
N SER A 269 -2.31 -22.03 -3.70
CA SER A 269 -2.07 -21.49 -2.33
C SER A 269 -2.33 -19.98 -2.30
N LEU A 270 -1.84 -19.24 -3.32
CA LEU A 270 -2.11 -17.76 -3.43
C LEU A 270 -3.61 -17.50 -3.67
N ALA A 271 -4.31 -18.33 -4.46
CA ALA A 271 -5.74 -18.05 -4.76
C ALA A 271 -6.54 -18.28 -3.49
N LYS A 272 -6.11 -19.26 -2.67
CA LYS A 272 -6.76 -19.55 -1.36
C LYS A 272 -6.68 -18.29 -0.46
N LEU A 273 -5.45 -17.77 -0.29
CA LEU A 273 -5.17 -16.56 0.52
C LEU A 273 -6.07 -15.43 0.04
N MET A 274 -6.13 -15.18 -1.27
CA MET A 274 -6.83 -13.96 -1.75
C MET A 274 -8.33 -14.08 -1.46
N LYS A 275 -8.91 -15.28 -1.59
CA LYS A 275 -10.36 -15.49 -1.28
C LYS A 275 -10.60 -15.22 0.20
N GLU A 276 -9.65 -15.61 1.05
CA GLU A 276 -9.82 -15.35 2.50
C GLU A 276 -9.41 -13.93 2.93
N CYS A 277 -8.94 -13.09 2.01
CA CYS A 277 -8.80 -11.63 2.22
C CYS A 277 -10.08 -10.94 1.79
N TRP A 278 -10.94 -11.61 1.03
CA TRP A 278 -12.09 -10.97 0.29
C TRP A 278 -13.45 -11.35 0.84
N TYR A 279 -13.56 -12.09 1.93
CA TYR A 279 -14.88 -12.32 2.58
C TYR A 279 -15.56 -10.98 2.76
N GLN A 280 -16.85 -10.88 2.44
CA GLN A 280 -17.60 -9.59 2.59
C GLN A 280 -17.72 -9.26 4.09
N ASN A 281 -17.73 -10.30 4.91
CA ASN A 281 -17.71 -10.18 6.39
C ASN A 281 -16.28 -9.85 6.85
N PRO A 282 -15.99 -8.61 7.29
CA PRO A 282 -14.62 -8.25 7.67
C PRO A 282 -13.99 -9.18 8.70
N SER A 283 -14.82 -9.69 9.62
CA SER A 283 -14.37 -10.50 10.78
C SER A 283 -13.80 -11.81 10.28
N ALA A 284 -14.25 -12.28 9.11
CA ALA A 284 -13.88 -13.60 8.55
C ALA A 284 -12.51 -13.51 7.86
N ARG A 285 -12.00 -12.30 7.53
CA ARG A 285 -10.72 -12.18 6.78
C ARG A 285 -9.56 -12.69 7.63
N LEU A 286 -8.53 -13.24 7.00
CA LEU A 286 -7.23 -13.52 7.64
C LEU A 286 -6.65 -12.22 8.23
N THR A 287 -5.72 -12.39 9.17
CA THR A 287 -4.85 -11.31 9.68
C THR A 287 -3.57 -11.29 8.86
N ALA A 288 -2.84 -10.18 8.91
CA ALA A 288 -1.58 -9.95 8.19
C ALA A 288 -0.57 -10.96 8.72
N LEU A 289 -0.64 -11.22 10.01
CA LEU A 289 0.33 -12.15 10.65
C LEU A 289 0.10 -13.58 10.11
N ARG A 290 -1.17 -13.98 9.98
CA ARG A 290 -1.55 -15.30 9.40
C ARG A 290 -1.14 -15.38 7.92
N ILE A 291 -1.30 -14.27 7.19
CA ILE A 291 -0.86 -14.21 5.78
C ILE A 291 0.66 -14.39 5.72
N LYS A 292 1.42 -13.68 6.55
CA LYS A 292 2.90 -13.74 6.53
C LYS A 292 3.37 -15.19 6.83
N LYS A 293 2.73 -15.85 7.78
CA LYS A 293 3.17 -17.22 8.18
C LYS A 293 2.93 -18.17 7.01
N THR A 294 1.72 -18.16 6.48
CA THR A 294 1.36 -19.00 5.33
C THR A 294 2.35 -18.77 4.17
N LEU A 295 2.70 -17.52 3.79
CA LEU A 295 3.63 -17.25 2.65
C LEU A 295 5.04 -17.68 3.01
N THR A 296 5.43 -17.64 4.26
CA THR A 296 6.75 -18.12 4.72
C THR A 296 6.82 -19.62 4.38
N LYS A 297 5.69 -20.33 4.47
CA LYS A 297 5.61 -21.81 4.30
C LYS A 297 5.55 -22.21 2.81
N ILE A 298 4.97 -21.39 1.92
CA ILE A 298 4.74 -21.80 0.50
C ILE A 298 6.09 -22.00 -0.21
N ASP A 299 6.12 -22.87 -1.24
CA ASP A 299 7.27 -23.20 -2.13
C ASP A 299 7.01 -22.80 -3.59
C01 C9U B . 3.41 8.13 -6.26
C02 C9U B . 4.05 6.90 -5.65
N03 C9U B . 5.31 7.14 -4.88
C04 C9U B . 6.58 6.72 -5.23
C05 C9U B . 7.45 7.13 -4.29
C06 C9U B . 6.71 7.83 -3.34
N07 C9U B . 5.40 7.87 -3.72
C08 C9U B . 7.06 8.51 -2.16
C09 C9U B . 6.23 8.49 -1.03
N10 C9U B . 6.42 9.13 0.09
C11 C9U B . 7.54 9.91 0.19
C12 C9U B . 8.50 10.01 -0.89
C13 C9U B . 8.25 9.34 -2.05
C14 C9U B . 8.90 6.77 -4.34
N15 C9U B . 9.42 6.55 -5.57
C16 C9U B . 10.71 6.17 -5.64
N17 C9U B . 11.28 5.99 -6.83
C18 C9U B . 10.76 5.95 -8.10
C19 C9U B . 9.45 6.24 -8.47
C20 C9U B . 9.03 6.12 -9.75
C21 C9U B . 9.90 5.72 -10.81
C22 C9U B . 11.20 5.42 -10.42
C23 C9U B . 11.60 5.54 -9.14
N24 C9U B . 9.53 5.55 -12.14
C25 C9U B . 9.78 4.23 -12.73
C26 C9U B . 9.63 4.26 -14.30
N27 C9U B . 8.24 4.53 -14.58
C28 C9U B . 7.88 5.86 -14.04
C29 C9U B . 8.15 5.95 -12.54
N30 C9U B . 11.49 5.93 -4.59
C31 C9U B . 10.94 6.16 -3.41
C32 C9U B . 9.64 6.55 -3.22
S SO4 C . -7.77 4.30 -10.99
O1 SO4 C . -8.30 3.95 -12.29
O2 SO4 C . -6.34 4.41 -11.08
O3 SO4 C . -8.10 3.27 -10.03
O4 SO4 C . -8.32 5.55 -10.56
S SO4 D . 17.16 -0.18 -3.27
O1 SO4 D . 17.73 -1.50 -3.35
O2 SO4 D . 15.93 -0.13 -4.01
O3 SO4 D . 16.95 0.13 -1.88
O4 SO4 D . 18.06 0.78 -3.83
#